data_5YPX
#
_entry.id   5YPX
#
_cell.length_a   65.258
_cell.length_b   65.258
_cell.length_c   113.203
_cell.angle_alpha   90.00
_cell.angle_beta   90.00
_cell.angle_gamma   90.00
#
_symmetry.space_group_name_H-M   'P 43'
#
loop_
_entity.id
_entity.type
_entity.pdbx_description
1 polymer Calaxin
2 non-polymer 'MAGNESIUM ION'
3 water water
#
_entity_poly.entity_id   1
_entity_poly.type   'polypeptide(L)'
_entity_poly.pdbx_seq_one_letter_code
;MGSSHHHHHHSSGLVPRGSHMSKKNQKLAEELYKTSCQKHFTKTEVESLIICYKNLLEGLKMDRNLFRDILHQKFNMTED
LLMDRVFRAFDKDSDSYISLTEWVEGLSVFLRGTLDEKMEYTFTVFDLNGDGYISREEMFQMLKTCLVKQPTEEDPDEGI
KDLVEIALKKMDHDHDSRLSKKDFKDAVLIEPLLLEAFGKCLPDEKSSEIFEYHVLGVKQCRG
;
_entity_poly.pdbx_strand_id   A,B
#
loop_
_chem_comp.id
_chem_comp.type
_chem_comp.name
_chem_comp.formula
MG non-polymer 'MAGNESIUM ION' 'Mg 2'
#
# COMPACT_ATOMS: atom_id res chain seq x y z
N LYS A 24 -38.94 11.16 4.87
CA LYS A 24 -39.34 11.00 3.46
C LYS A 24 -38.07 10.57 2.71
N ASN A 25 -37.17 11.52 2.43
CA ASN A 25 -35.79 11.20 2.13
C ASN A 25 -34.87 11.57 3.27
N GLN A 26 -35.30 12.54 4.05
CA GLN A 26 -34.47 13.12 5.06
C GLN A 26 -34.68 12.40 6.39
N LYS A 27 -35.92 12.03 6.69
CA LYS A 27 -36.19 11.01 7.74
C LYS A 27 -35.45 9.67 7.51
N LEU A 28 -35.45 9.18 6.27
CA LEU A 28 -34.70 7.96 5.88
C LEU A 28 -33.20 8.13 6.12
N ALA A 29 -32.63 9.24 5.66
CA ALA A 29 -31.24 9.53 5.89
C ALA A 29 -30.88 9.49 7.38
N GLU A 30 -31.73 10.10 8.20
CA GLU A 30 -31.64 10.06 9.66
C GLU A 30 -31.51 8.61 10.21
N GLU A 31 -32.49 7.76 9.87
CA GLU A 31 -32.52 6.37 10.35
C GLU A 31 -31.32 5.56 9.88
N LEU A 32 -30.86 5.82 8.67
CA LEU A 32 -29.72 5.07 8.17
C LEU A 32 -28.40 5.59 8.74
N TYR A 33 -28.27 6.89 8.90
CA TYR A 33 -27.10 7.42 9.58
C TYR A 33 -27.09 6.91 10.98
N LYS A 34 -28.24 6.83 11.62
CA LYS A 34 -28.28 6.33 13.00
C LYS A 34 -27.83 4.86 13.07
N THR A 35 -28.25 4.03 12.12
CA THR A 35 -28.14 2.57 12.27
C THR A 35 -27.05 1.86 11.46
N SER A 36 -26.58 2.45 10.39
CA SER A 36 -25.66 1.77 9.52
C SER A 36 -24.27 1.71 10.13
N CYS A 37 -23.50 0.67 9.79
CA CYS A 37 -22.12 0.55 10.26
C CYS A 37 -21.16 1.14 9.20
N GLN A 38 -21.73 1.86 8.28
CA GLN A 38 -21.00 2.75 7.40
C GLN A 38 -20.21 3.83 8.14
N LYS A 39 -18.95 3.99 7.77
CA LYS A 39 -18.07 4.88 8.53
C LYS A 39 -17.50 6.10 7.78
N HIS A 40 -17.83 6.31 6.50
CA HIS A 40 -17.10 7.28 5.68
C HIS A 40 -17.91 8.45 5.12
N PHE A 41 -19.20 8.47 5.40
CA PHE A 41 -20.18 9.36 4.77
C PHE A 41 -20.93 10.16 5.85
N THR A 42 -21.17 11.43 5.58
CA THR A 42 -21.92 12.26 6.48
C THR A 42 -23.36 11.89 6.22
N LYS A 43 -24.24 12.43 7.02
CA LYS A 43 -25.63 12.15 6.91
C LYS A 43 -26.24 12.73 5.67
N THR A 44 -25.82 13.92 5.24
CA THR A 44 -26.35 14.44 3.99
C THR A 44 -25.76 13.67 2.80
N GLU A 45 -24.54 13.17 2.91
CA GLU A 45 -24.01 12.28 1.87
C GLU A 45 -24.81 10.97 1.76
N VAL A 46 -25.28 10.52 2.89
CA VAL A 46 -26.22 9.43 2.95
C VAL A 46 -27.50 9.77 2.28
N GLU A 47 -28.01 10.96 2.54
CA GLU A 47 -29.23 11.39 1.85
C GLU A 47 -28.98 11.39 0.34
N SER A 48 -27.85 11.93 -0.10
CA SER A 48 -27.52 11.90 -1.50
C SER A 48 -27.47 10.46 -2.04
N LEU A 49 -26.92 9.52 -1.31
CA LEU A 49 -26.88 8.13 -1.80
C LEU A 49 -28.24 7.45 -1.82
N ILE A 50 -29.21 7.92 -1.00
CA ILE A 50 -30.61 7.38 -1.04
C ILE A 50 -31.37 7.94 -2.23
N ILE A 51 -31.29 9.25 -2.43
CA ILE A 51 -31.87 9.89 -3.58
C ILE A 51 -31.41 9.09 -4.80
N CYS A 52 -30.11 8.94 -4.97
CA CYS A 52 -29.49 8.16 -6.05
C CYS A 52 -30.04 6.75 -6.27
N TYR A 53 -30.21 6.02 -5.18
CA TYR A 53 -30.71 4.67 -5.22
C TYR A 53 -32.09 4.76 -5.82
N LYS A 54 -32.88 5.76 -5.43
CA LYS A 54 -34.30 5.82 -5.83
C LYS A 54 -34.48 6.33 -7.27
N ASN A 55 -33.60 7.24 -7.67
CA ASN A 55 -33.60 7.70 -9.04
C ASN A 55 -33.29 6.53 -10.00
N LEU A 56 -32.41 5.63 -9.57
CA LEU A 56 -32.04 4.51 -10.39
C LEU A 56 -33.11 3.45 -10.42
N LEU A 57 -33.91 3.29 -9.37
CA LEU A 57 -34.80 2.14 -9.28
C LEU A 57 -36.28 2.40 -9.36
N GLU A 58 -36.71 3.37 -8.55
CA GLU A 58 -38.08 3.95 -8.54
C GLU A 58 -39.12 3.08 -7.82
N GLY A 59 -38.74 2.60 -6.65
CA GLY A 59 -39.49 1.58 -5.91
C GLY A 59 -38.85 0.21 -6.10
N LEU A 60 -38.43 -0.12 -7.32
CA LEU A 60 -37.78 -1.44 -7.56
C LEU A 60 -36.61 -1.74 -6.57
N LYS A 61 -36.56 -2.97 -6.10
CA LYS A 61 -35.51 -3.42 -5.20
C LYS A 61 -34.31 -3.60 -6.13
N MET A 62 -33.12 -3.18 -5.68
CA MET A 62 -31.91 -3.28 -6.51
C MET A 62 -31.42 -4.74 -6.50
N ASP A 63 -31.40 -5.36 -7.66
CA ASP A 63 -31.09 -6.80 -7.80
C ASP A 63 -29.79 -6.96 -8.62
N ARG A 64 -29.44 -8.21 -8.86
CA ARG A 64 -28.17 -8.54 -9.44
C ARG A 64 -27.99 -7.85 -10.80
N ASN A 65 -29.04 -7.79 -11.61
CA ASN A 65 -28.95 -7.23 -12.94
C ASN A 65 -28.61 -5.78 -12.90
N LEU A 66 -29.41 -5.02 -12.14
CA LEU A 66 -29.29 -3.57 -12.04
C LEU A 66 -27.92 -3.26 -11.44
N PHE A 67 -27.60 -3.97 -10.36
CA PHE A 67 -26.29 -3.79 -9.73
C PHE A 67 -25.18 -4.07 -10.74
N ARG A 68 -25.33 -5.16 -11.54
CA ARG A 68 -24.38 -5.47 -12.64
C ARG A 68 -24.16 -4.25 -13.55
N ASP A 69 -25.23 -3.50 -13.90
CA ASP A 69 -25.07 -2.37 -14.84
C ASP A 69 -24.36 -1.21 -14.23
N ILE A 70 -24.72 -0.90 -12.98
CA ILE A 70 -24.01 0.12 -12.18
C ILE A 70 -22.54 -0.21 -12.20
N LEU A 71 -22.16 -1.44 -11.87
CA LEU A 71 -20.71 -1.75 -11.87
C LEU A 71 -20.09 -1.63 -13.24
N HIS A 72 -20.82 -2.06 -14.27
CA HIS A 72 -20.37 -1.97 -15.67
C HIS A 72 -20.26 -0.52 -16.15
N GLN A 73 -21.33 0.25 -16.05
CA GLN A 73 -21.40 1.57 -16.71
C GLN A 73 -20.74 2.66 -15.90
N LYS A 74 -21.04 2.73 -14.60
CA LYS A 74 -20.43 3.74 -13.74
C LYS A 74 -19.00 3.45 -13.31
N PHE A 75 -18.68 2.17 -13.14
CA PHE A 75 -17.35 1.75 -12.62
C PHE A 75 -16.49 0.86 -13.54
N ASN A 76 -16.90 0.64 -14.79
CA ASN A 76 -16.00 0.09 -15.80
C ASN A 76 -15.49 -1.32 -15.45
N MET A 77 -16.34 -2.15 -14.89
CA MET A 77 -16.01 -3.54 -14.65
C MET A 77 -16.61 -4.31 -15.81
N THR A 78 -15.82 -5.25 -16.32
CA THR A 78 -16.20 -5.95 -17.54
C THR A 78 -16.55 -7.41 -17.27
N GLU A 79 -15.80 -8.07 -16.39
CA GLU A 79 -15.98 -9.49 -16.09
C GLU A 79 -17.19 -9.95 -15.26
N ASP A 80 -18.01 -10.73 -15.95
CA ASP A 80 -19.05 -11.57 -15.36
C ASP A 80 -18.69 -12.10 -13.98
N LEU A 81 -17.62 -12.88 -13.87
CA LEU A 81 -17.28 -13.44 -12.56
C LEU A 81 -16.96 -12.36 -11.52
N LEU A 82 -16.27 -11.30 -11.92
CA LEU A 82 -15.89 -10.24 -10.97
C LEU A 82 -17.12 -9.56 -10.41
N MET A 83 -17.98 -9.14 -11.31
CA MET A 83 -19.21 -8.47 -10.96
C MET A 83 -20.13 -9.36 -10.09
N ASP A 84 -20.19 -10.66 -10.31
CA ASP A 84 -20.97 -11.49 -9.37
C ASP A 84 -20.36 -11.47 -7.98
N ARG A 85 -19.03 -11.44 -7.92
CA ARG A 85 -18.40 -11.49 -6.65
C ARG A 85 -18.53 -10.18 -5.90
N VAL A 86 -18.63 -9.07 -6.64
CA VAL A 86 -18.83 -7.76 -6.02
C VAL A 86 -20.24 -7.67 -5.47
N PHE A 87 -21.20 -8.05 -6.29
CA PHE A 87 -22.60 -8.18 -5.86
C PHE A 87 -22.73 -8.97 -4.58
N ARG A 88 -22.00 -10.07 -4.47
CA ARG A 88 -22.08 -10.89 -3.25
C ARG A 88 -21.48 -10.23 -2.02
N ALA A 89 -20.37 -9.51 -2.16
CA ALA A 89 -19.80 -8.83 -1.01
C ALA A 89 -20.76 -7.71 -0.56
N PHE A 90 -21.38 -6.97 -1.47
CA PHE A 90 -22.39 -5.96 -1.07
C PHE A 90 -23.61 -6.57 -0.42
N ASP A 91 -24.08 -7.72 -0.93
CA ASP A 91 -25.31 -8.41 -0.41
C ASP A 91 -25.06 -9.23 0.89
N LYS A 92 -24.73 -8.55 1.98
CA LYS A 92 -24.31 -9.23 3.21
C LYS A 92 -25.35 -10.23 3.71
N ASP A 93 -26.58 -9.78 3.74
CA ASP A 93 -27.70 -10.60 4.14
C ASP A 93 -28.13 -11.71 3.10
N SER A 94 -27.52 -11.80 1.92
CA SER A 94 -27.80 -12.91 0.94
C SER A 94 -29.22 -13.12 0.47
N ASP A 95 -29.95 -12.05 0.35
CA ASP A 95 -31.34 -12.13 -0.11
C ASP A 95 -31.44 -11.80 -1.59
N SER A 96 -30.31 -11.54 -2.26
CA SER A 96 -30.29 -11.20 -3.73
C SER A 96 -30.77 -9.82 -4.13
N TYR A 97 -30.72 -8.92 -3.16
CA TYR A 97 -31.05 -7.52 -3.36
C TYR A 97 -30.05 -6.75 -2.55
N ILE A 98 -29.60 -5.63 -3.10
CA ILE A 98 -28.80 -4.69 -2.35
C ILE A 98 -29.81 -3.73 -1.77
N SER A 99 -30.08 -3.85 -0.46
CA SER A 99 -30.94 -2.88 0.21
C SER A 99 -30.23 -1.55 0.24
N LEU A 100 -30.97 -0.54 0.72
CA LEU A 100 -30.40 0.78 0.96
C LEU A 100 -29.21 0.66 1.84
N THR A 101 -29.36 -0.03 2.95
CA THR A 101 -28.26 -0.16 3.87
C THR A 101 -27.10 -0.78 3.22
N GLU A 102 -27.30 -1.84 2.43
CA GLU A 102 -26.14 -2.51 1.84
C GLU A 102 -25.49 -1.67 0.74
N TRP A 103 -26.26 -0.86 0.03
CA TRP A 103 -25.74 0.17 -0.91
C TRP A 103 -24.81 1.17 -0.22
N VAL A 104 -25.34 1.80 0.80
CA VAL A 104 -24.52 2.71 1.57
C VAL A 104 -23.26 2.02 2.18
N GLU A 105 -23.45 0.95 2.97
CA GLU A 105 -22.32 0.24 3.58
C GLU A 105 -21.25 -0.20 2.60
N GLY A 106 -21.67 -0.83 1.52
CA GLY A 106 -20.77 -1.24 0.46
C GLY A 106 -20.14 -0.07 -0.24
N LEU A 107 -20.91 0.96 -0.58
CA LEU A 107 -20.26 2.12 -1.18
C LEU A 107 -19.25 2.85 -0.23
N SER A 108 -19.41 2.72 1.08
CA SER A 108 -18.45 3.33 2.03
C SER A 108 -17.05 2.73 1.92
N VAL A 109 -17.03 1.41 1.96
CA VAL A 109 -15.82 0.64 1.72
C VAL A 109 -15.29 0.90 0.29
N PHE A 110 -16.11 0.49 -0.67
CA PHE A 110 -15.82 0.56 -2.10
C PHE A 110 -15.24 1.90 -2.60
N LEU A 111 -15.74 3.05 -2.12
CA LEU A 111 -15.21 4.39 -2.49
C LEU A 111 -14.21 5.06 -1.51
N ARG A 112 -14.24 4.70 -0.24
CA ARG A 112 -13.48 5.49 0.73
C ARG A 112 -12.89 4.55 1.77
N GLY A 113 -12.69 3.30 1.39
CA GLY A 113 -12.36 2.29 2.36
C GLY A 113 -10.97 2.48 2.94
N THR A 114 -10.83 2.25 4.23
CA THR A 114 -9.48 2.06 4.80
C THR A 114 -8.92 0.79 4.25
N LEU A 115 -7.62 0.65 4.42
CA LEU A 115 -6.88 -0.53 4.00
C LEU A 115 -7.50 -1.79 4.61
N ASP A 116 -7.87 -1.71 5.87
CA ASP A 116 -8.41 -2.89 6.55
C ASP A 116 -9.67 -3.35 5.87
N GLU A 117 -10.58 -2.40 5.64
CA GLU A 117 -11.88 -2.69 5.02
C GLU A 117 -11.71 -3.22 3.61
N LYS A 118 -10.76 -2.66 2.88
CA LYS A 118 -10.52 -3.05 1.48
C LYS A 118 -10.02 -4.48 1.37
N MET A 119 -9.07 -4.80 2.23
CA MET A 119 -8.57 -6.15 2.33
C MET A 119 -9.60 -7.13 2.86
N GLU A 120 -10.35 -6.72 3.88
CA GLU A 120 -11.49 -7.53 4.38
C GLU A 120 -12.45 -7.85 3.21
N TYR A 121 -12.72 -6.84 2.42
CA TYR A 121 -13.63 -6.93 1.31
C TYR A 121 -13.05 -7.75 0.22
N THR A 122 -11.78 -7.52 -0.04
CA THR A 122 -11.08 -8.26 -1.10
C THR A 122 -10.98 -9.75 -0.76
N PHE A 123 -10.76 -10.05 0.51
CA PHE A 123 -10.68 -11.43 0.92
C PHE A 123 -12.01 -12.07 0.64
N THR A 124 -13.08 -11.39 1.04
CA THR A 124 -14.42 -11.88 0.78
C THR A 124 -14.74 -11.98 -0.70
N VAL A 125 -14.37 -11.00 -1.48
CA VAL A 125 -14.47 -11.19 -2.91
C VAL A 125 -13.75 -12.48 -3.39
N PHE A 126 -12.57 -12.78 -2.84
CA PHE A 126 -11.68 -13.86 -3.38
C PHE A 126 -11.95 -15.27 -2.80
N ASP A 127 -12.40 -15.34 -1.56
CA ASP A 127 -12.71 -16.67 -0.94
C ASP A 127 -13.97 -17.34 -1.54
N LEU A 128 -13.80 -17.93 -2.72
CA LEU A 128 -14.91 -18.44 -3.53
C LEU A 128 -15.85 -19.50 -2.91
N ASN A 129 -15.45 -20.10 -1.80
CA ASN A 129 -16.29 -21.03 -1.06
C ASN A 129 -16.41 -20.69 0.43
N GLY A 130 -15.94 -19.54 0.86
CA GLY A 130 -16.14 -19.12 2.25
C GLY A 130 -15.58 -20.10 3.27
N ASP A 131 -14.52 -20.84 2.91
CA ASP A 131 -13.81 -21.74 3.85
C ASP A 131 -12.87 -21.00 4.80
N GLY A 132 -12.64 -19.70 4.58
CA GLY A 132 -11.68 -18.90 5.36
C GLY A 132 -10.28 -18.78 4.75
N TYR A 133 -10.09 -19.27 3.52
CA TYR A 133 -8.78 -19.39 2.85
C TYR A 133 -8.89 -19.19 1.33
N ILE A 134 -7.87 -18.55 0.78
CA ILE A 134 -7.71 -18.44 -0.66
C ILE A 134 -6.79 -19.55 -1.18
N SER A 135 -7.35 -20.51 -1.91
CA SER A 135 -6.58 -21.62 -2.50
C SER A 135 -5.89 -21.17 -3.81
N ARG A 136 -4.95 -21.97 -4.36
CA ARG A 136 -4.39 -21.64 -5.68
C ARG A 136 -5.47 -21.47 -6.72
N GLU A 137 -6.40 -22.41 -6.78
CA GLU A 137 -7.40 -22.49 -7.86
C GLU A 137 -8.27 -21.22 -7.83
N GLU A 138 -8.74 -20.87 -6.64
CA GLU A 138 -9.45 -19.63 -6.39
C GLU A 138 -8.59 -18.47 -6.89
N MET A 139 -7.39 -18.36 -6.34
CA MET A 139 -6.46 -17.26 -6.68
C MET A 139 -6.16 -17.16 -8.21
N PHE A 140 -6.11 -18.32 -8.89
CA PHE A 140 -5.96 -18.35 -10.35
C PHE A 140 -7.18 -17.73 -11.05
N GLN A 141 -8.37 -18.12 -10.61
CA GLN A 141 -9.60 -17.76 -11.33
C GLN A 141 -9.93 -16.30 -11.17
N MET A 142 -9.71 -15.82 -9.96
CA MET A 142 -10.02 -14.43 -9.63
C MET A 142 -8.98 -13.43 -10.12
N LEU A 143 -7.72 -13.83 -10.22
CA LEU A 143 -6.71 -12.92 -10.76
C LEU A 143 -6.82 -12.85 -12.27
N LYS A 144 -7.20 -13.95 -12.91
CA LYS A 144 -7.42 -13.94 -14.35
C LYS A 144 -8.50 -12.89 -14.65
N THR A 145 -9.70 -13.07 -14.07
CA THR A 145 -10.87 -12.19 -14.40
C THR A 145 -10.63 -10.73 -13.97
N CYS A 146 -10.06 -10.52 -12.78
CA CYS A 146 -9.55 -9.17 -12.38
C CYS A 146 -8.68 -8.51 -13.48
N LEU A 147 -7.68 -9.26 -13.99
CA LEU A 147 -6.71 -8.78 -14.98
C LEU A 147 -7.27 -9.02 -16.36
N GLU A 158 2.20 -18.30 -18.39
CA GLU A 158 1.12 -17.35 -18.22
C GLU A 158 1.47 -16.74 -16.88
N GLY A 159 1.66 -15.42 -16.89
CA GLY A 159 2.05 -14.69 -15.68
C GLY A 159 1.04 -14.69 -14.55
N ILE A 160 -0.17 -15.16 -14.83
CA ILE A 160 -1.23 -15.22 -13.83
C ILE A 160 -0.92 -16.39 -12.90
N LYS A 161 -0.52 -17.51 -13.49
CA LYS A 161 0.01 -18.66 -12.73
C LYS A 161 1.24 -18.30 -11.86
N ASP A 162 2.18 -17.54 -12.46
CA ASP A 162 3.42 -17.09 -11.78
C ASP A 162 3.06 -16.29 -10.55
N LEU A 163 2.25 -15.23 -10.77
CA LEU A 163 1.62 -14.40 -9.68
C LEU A 163 0.97 -15.17 -8.55
N VAL A 164 0.25 -16.22 -8.93
CA VAL A 164 -0.38 -17.08 -7.95
C VAL A 164 0.71 -17.73 -7.08
N GLU A 165 1.82 -18.20 -7.68
CA GLU A 165 2.95 -18.77 -6.87
C GLU A 165 3.70 -17.70 -6.06
N ILE A 166 3.83 -16.50 -6.63
CA ILE A 166 4.48 -15.39 -5.95
C ILE A 166 3.73 -15.07 -4.66
N ALA A 167 2.45 -14.77 -4.82
CA ALA A 167 1.61 -14.43 -3.67
C ALA A 167 1.76 -15.50 -2.58
N LEU A 168 1.53 -16.78 -2.92
CA LEU A 168 1.63 -17.85 -1.91
C LEU A 168 3.02 -17.88 -1.24
N LYS A 169 4.08 -17.83 -2.05
CA LYS A 169 5.48 -17.83 -1.56
C LYS A 169 5.75 -16.64 -0.65
N LYS A 170 5.44 -15.43 -1.13
CA LYS A 170 5.82 -14.20 -0.43
C LYS A 170 4.87 -13.74 0.68
N MET A 171 4.09 -14.66 1.25
CA MET A 171 3.11 -14.31 2.29
C MET A 171 3.13 -15.20 3.55
N ASP A 172 2.68 -16.46 3.47
CA ASP A 172 2.27 -17.21 4.70
C ASP A 172 3.37 -17.93 5.55
N HIS A 173 3.07 -18.09 6.85
CA HIS A 173 3.89 -18.85 7.85
C HIS A 173 3.74 -20.38 7.65
N ASP A 174 2.49 -20.88 7.75
CA ASP A 174 2.13 -22.29 7.43
C ASP A 174 1.92 -22.45 5.90
N HIS A 175 3.02 -22.62 5.16
CA HIS A 175 3.00 -22.83 3.69
C HIS A 175 2.24 -24.13 3.34
N ASP A 176 0.92 -24.04 3.22
CA ASP A 176 0.04 -25.20 2.96
C ASP A 176 -0.77 -25.03 1.68
N SER A 177 -0.16 -24.35 0.69
CA SER A 177 -0.78 -24.01 -0.61
C SER A 177 -2.12 -23.23 -0.55
N ARG A 178 -2.33 -22.49 0.54
CA ARG A 178 -3.51 -21.67 0.75
C ARG A 178 -3.28 -20.62 1.82
N LEU A 179 -4.08 -19.54 1.74
CA LEU A 179 -3.90 -18.30 2.51
C LEU A 179 -5.05 -17.99 3.44
N SER A 180 -4.84 -18.15 4.75
CA SER A 180 -5.87 -17.72 5.71
C SER A 180 -6.05 -16.19 5.62
N LYS A 181 -7.07 -15.71 6.33
CA LYS A 181 -7.40 -14.28 6.34
C LYS A 181 -6.24 -13.46 6.92
N LYS A 182 -5.61 -13.97 7.99
CA LYS A 182 -4.44 -13.32 8.60
C LYS A 182 -3.25 -13.34 7.63
N ASP A 183 -2.98 -14.49 7.02
CA ASP A 183 -1.93 -14.60 5.98
C ASP A 183 -2.11 -13.60 4.81
N PHE A 184 -3.34 -13.42 4.34
CA PHE A 184 -3.59 -12.43 3.30
C PHE A 184 -3.30 -11.04 3.88
N LYS A 185 -4.11 -10.65 4.85
CA LYS A 185 -4.03 -9.30 5.40
C LYS A 185 -2.62 -9.00 5.89
N ASP A 186 -2.18 -9.75 6.90
CA ASP A 186 -0.88 -9.54 7.57
C ASP A 186 0.34 -9.54 6.64
N ALA A 187 0.25 -10.22 5.48
CA ALA A 187 1.34 -10.19 4.51
C ALA A 187 1.33 -8.99 3.56
N VAL A 188 0.29 -8.84 2.72
CA VAL A 188 0.21 -7.72 1.71
C VAL A 188 0.75 -6.35 2.19
N LEU A 189 0.59 -6.05 3.48
CA LEU A 189 1.32 -4.99 4.21
C LEU A 189 2.79 -4.75 3.81
N ILE A 190 3.50 -5.79 3.38
CA ILE A 190 4.92 -5.69 3.00
C ILE A 190 5.23 -6.04 1.52
N GLU A 191 4.20 -6.38 0.72
CA GLU A 191 4.28 -6.35 -0.76
C GLU A 191 3.02 -5.63 -1.38
N PRO A 192 3.09 -4.29 -1.55
CA PRO A 192 1.97 -3.46 -2.03
C PRO A 192 1.42 -3.78 -3.38
N LEU A 193 2.27 -4.13 -4.32
CA LEU A 193 1.81 -4.33 -5.69
C LEU A 193 0.86 -5.54 -5.86
N LEU A 194 0.97 -6.50 -4.95
CA LEU A 194 0.03 -7.61 -4.93
C LEU A 194 -1.35 -7.12 -4.51
N LEU A 195 -1.44 -6.22 -3.53
CA LEU A 195 -2.72 -5.53 -3.26
C LEU A 195 -3.39 -5.15 -4.57
N GLU A 196 -2.65 -4.47 -5.43
CA GLU A 196 -3.20 -3.87 -6.63
C GLU A 196 -3.60 -4.88 -7.73
N ALA A 197 -3.03 -6.09 -7.67
CA ALA A 197 -3.54 -7.17 -8.52
C ALA A 197 -4.91 -7.66 -8.00
N PHE A 198 -5.05 -7.73 -6.69
CA PHE A 198 -6.28 -8.13 -6.06
C PHE A 198 -7.33 -7.02 -6.08
N GLY A 199 -6.92 -5.76 -6.24
CA GLY A 199 -7.82 -4.64 -6.12
C GLY A 199 -8.48 -4.21 -7.41
N LYS A 200 -8.71 -5.12 -8.35
CA LYS A 200 -9.57 -4.81 -9.51
C LYS A 200 -11.04 -5.08 -9.15
N CYS A 201 -11.24 -5.74 -8.01
CA CYS A 201 -12.50 -5.76 -7.30
C CYS A 201 -12.92 -4.40 -6.71
N LEU A 202 -12.09 -3.39 -6.92
CA LEU A 202 -12.36 -2.04 -6.49
C LEU A 202 -12.29 -1.08 -7.70
N PRO A 203 -12.95 0.08 -7.58
CA PRO A 203 -13.05 0.96 -8.73
C PRO A 203 -11.75 1.66 -8.94
N ASP A 204 -11.39 1.97 -10.17
CA ASP A 204 -10.16 2.76 -10.34
C ASP A 204 -10.39 4.16 -9.76
N GLU A 205 -9.30 4.91 -9.58
CA GLU A 205 -9.43 6.29 -9.12
C GLU A 205 -10.42 7.14 -9.95
N LYS A 206 -10.36 7.00 -11.27
CA LYS A 206 -11.09 7.82 -12.21
C LYS A 206 -12.60 7.62 -12.01
N SER A 207 -13.00 6.36 -11.95
CA SER A 207 -14.42 6.04 -11.76
C SER A 207 -14.96 6.61 -10.44
N SER A 208 -14.17 6.51 -9.38
CA SER A 208 -14.56 6.99 -8.06
C SER A 208 -14.72 8.47 -7.95
N GLU A 209 -13.96 9.24 -8.72
CA GLU A 209 -13.97 10.68 -8.56
C GLU A 209 -15.16 11.20 -9.32
N ILE A 210 -15.31 10.72 -10.56
CA ILE A 210 -16.52 10.93 -11.36
C ILE A 210 -17.82 10.61 -10.58
N PHE A 211 -17.94 9.40 -10.00
CA PHE A 211 -19.10 9.05 -9.13
C PHE A 211 -19.27 10.05 -7.97
N GLU A 212 -18.21 10.21 -7.16
CA GLU A 212 -18.23 11.09 -5.99
C GLU A 212 -18.61 12.52 -6.35
N TYR A 213 -18.04 13.04 -7.45
CA TYR A 213 -18.44 14.32 -8.09
C TYR A 213 -19.95 14.39 -8.46
N HIS A 214 -20.40 13.54 -9.34
CA HIS A 214 -21.81 13.54 -9.76
C HIS A 214 -22.85 13.43 -8.65
N VAL A 215 -22.69 12.39 -7.84
CA VAL A 215 -23.70 11.96 -6.89
C VAL A 215 -23.55 12.63 -5.53
N LEU A 216 -22.33 12.72 -5.02
CA LEU A 216 -22.05 13.29 -3.70
C LEU A 216 -21.58 14.75 -3.68
N GLY A 217 -20.99 15.24 -4.77
CA GLY A 217 -20.54 16.63 -4.89
C GLY A 217 -19.17 16.93 -4.28
N VAL A 218 -18.20 16.05 -4.45
CA VAL A 218 -16.81 16.21 -3.96
C VAL A 218 -15.86 16.40 -5.14
N ASN B 25 32.02 14.49 23.57
CA ASN B 25 30.70 13.89 23.15
C ASN B 25 29.56 14.87 23.24
N GLN B 26 29.46 15.56 24.38
CA GLN B 26 28.44 16.60 24.55
C GLN B 26 28.64 17.74 23.56
N LYS B 27 29.91 18.16 23.47
CA LYS B 27 30.37 19.23 22.61
C LYS B 27 30.08 18.86 21.16
N LEU B 28 30.32 17.60 20.83
CA LEU B 28 30.14 17.06 19.49
C LEU B 28 28.67 16.99 19.08
N ALA B 29 27.81 16.62 20.04
CA ALA B 29 26.40 16.56 19.80
C ALA B 29 25.83 17.98 19.65
N GLU B 30 26.42 18.97 20.31
CA GLU B 30 26.10 20.37 20.04
C GLU B 30 26.49 20.80 18.64
N GLU B 31 27.73 20.56 18.25
CA GLU B 31 28.19 20.97 16.92
C GLU B 31 27.34 20.28 15.86
N LEU B 32 26.97 19.03 16.09
CA LEU B 32 26.29 18.30 15.08
C LEU B 32 24.83 18.63 15.09
N TYR B 33 24.23 18.84 16.25
CA TYR B 33 22.83 19.25 16.29
C TYR B 33 22.60 20.66 15.68
N LYS B 34 23.63 21.48 15.68
CA LYS B 34 23.58 22.80 15.09
C LYS B 34 23.67 22.66 13.57
N THR B 35 24.61 21.86 13.10
CA THR B 35 24.92 21.83 11.67
C THR B 35 24.12 20.85 10.86
N SER B 36 23.65 19.79 11.45
CA SER B 36 22.99 18.75 10.66
C SER B 36 21.62 19.19 10.12
N CYS B 37 21.25 18.68 8.95
CA CYS B 37 19.96 19.07 8.30
C CYS B 37 18.78 18.16 8.76
N GLN B 38 19.07 17.19 9.60
CA GLN B 38 18.11 16.41 10.37
C GLN B 38 17.02 17.19 11.01
N LYS B 39 15.79 16.68 10.94
CA LYS B 39 14.59 17.37 11.41
C LYS B 39 13.76 16.69 12.49
N HIS B 40 14.22 15.56 13.05
CA HIS B 40 13.38 14.82 13.97
C HIS B 40 13.92 14.45 15.34
N PHE B 41 15.24 14.48 15.53
CA PHE B 41 15.85 14.19 16.77
C PHE B 41 16.16 15.38 17.58
N THR B 42 16.01 15.26 18.90
CA THR B 42 16.48 16.27 19.82
C THR B 42 17.98 16.19 19.90
N LYS B 43 18.59 17.12 20.59
CA LYS B 43 20.03 17.21 20.76
C LYS B 43 20.58 16.05 21.61
N THR B 44 19.76 15.50 22.48
CA THR B 44 20.17 14.43 23.40
C THR B 44 20.06 13.10 22.65
N GLU B 45 19.03 12.94 21.85
CA GLU B 45 18.91 11.86 20.88
C GLU B 45 20.08 11.81 19.88
N VAL B 46 20.56 12.98 19.47
CA VAL B 46 21.75 13.03 18.61
C VAL B 46 22.99 12.50 19.34
N GLU B 47 23.12 12.91 20.58
CA GLU B 47 24.17 12.40 21.43
C GLU B 47 24.11 10.86 21.55
N SER B 48 22.93 10.30 21.85
CA SER B 48 22.82 8.85 21.91
C SER B 48 23.22 8.20 20.61
N LEU B 49 22.82 8.80 19.48
CA LEU B 49 23.12 8.29 18.13
C LEU B 49 24.57 8.36 17.83
N ILE B 50 25.23 9.42 18.30
CA ILE B 50 26.68 9.53 18.18
C ILE B 50 27.35 8.40 18.97
N ILE B 51 26.89 8.17 20.20
CA ILE B 51 27.44 7.09 21.03
C ILE B 51 27.20 5.69 20.40
N CYS B 52 25.99 5.50 19.88
CA CYS B 52 25.69 4.30 19.12
C CYS B 52 26.61 4.12 17.88
N TYR B 53 26.89 5.17 17.13
CA TYR B 53 27.80 5.10 15.97
C TYR B 53 29.16 4.59 16.42
N LYS B 54 29.70 5.21 17.47
CA LYS B 54 31.01 4.83 17.97
C LYS B 54 31.10 3.38 18.50
N ASN B 55 30.01 2.91 19.10
CA ASN B 55 29.91 1.55 19.61
C ASN B 55 29.73 0.49 18.56
N LEU B 56 29.20 0.86 17.44
CA LEU B 56 29.08 -0.08 16.34
C LEU B 56 30.31 -0.08 15.52
N LEU B 57 31.11 0.98 15.52
CA LEU B 57 32.31 0.99 14.68
C LEU B 57 33.19 -0.26 14.86
N GLU B 58 33.81 -0.65 13.74
CA GLU B 58 34.79 -1.72 13.67
C GLU B 58 36.09 -1.06 13.29
N GLY B 59 36.22 -0.59 12.07
CA GLY B 59 37.34 0.32 11.78
C GLY B 59 37.12 1.73 12.33
N LEU B 60 37.62 2.72 11.59
CA LEU B 60 37.50 4.14 11.96
C LEU B 60 36.27 4.82 11.37
N LYS B 61 35.72 4.21 10.31
CA LYS B 61 34.61 4.79 9.54
C LYS B 61 33.55 3.72 9.34
N MET B 62 32.28 4.13 9.20
CA MET B 62 31.16 3.19 9.00
C MET B 62 31.06 2.84 7.50
N ASP B 63 31.41 1.61 7.11
CA ASP B 63 31.43 1.21 5.67
C ASP B 63 30.26 0.34 5.24
N ARG B 64 30.24 -0.03 3.96
CA ARG B 64 29.22 -0.99 3.46
C ARG B 64 28.98 -2.13 4.39
N ASN B 65 30.01 -2.90 4.69
CA ASN B 65 29.87 -4.13 5.51
C ASN B 65 29.24 -3.91 6.86
N LEU B 66 29.76 -3.00 7.65
CA LEU B 66 29.12 -2.68 8.92
C LEU B 66 27.67 -2.23 8.71
N PHE B 67 27.45 -1.39 7.69
CA PHE B 67 26.08 -0.98 7.40
C PHE B 67 25.19 -2.11 6.95
N ARG B 68 25.75 -3.06 6.20
CA ARG B 68 25.05 -4.25 5.79
C ARG B 68 24.62 -5.00 7.01
N ASP B 69 25.55 -5.22 7.95
CA ASP B 69 25.19 -5.90 9.21
C ASP B 69 24.13 -5.13 10.01
N ILE B 70 24.23 -3.79 10.03
CA ILE B 70 23.30 -2.99 10.81
C ILE B 70 21.91 -3.15 10.26
N LEU B 71 21.76 -3.07 8.94
CA LEU B 71 20.43 -3.20 8.38
C LEU B 71 19.82 -4.57 8.69
N HIS B 72 20.61 -5.62 8.55
CA HIS B 72 20.22 -7.02 8.73
C HIS B 72 19.81 -7.29 10.15
N GLN B 73 20.74 -7.16 11.08
CA GLN B 73 20.49 -7.53 12.48
C GLN B 73 19.61 -6.56 13.22
N LYS B 74 19.46 -5.32 12.77
CA LYS B 74 18.62 -4.35 13.48
C LYS B 74 17.30 -4.01 12.83
N PHE B 75 17.24 -4.13 11.50
CA PHE B 75 16.03 -3.80 10.76
C PHE B 75 15.53 -4.95 9.86
N ASN B 76 16.10 -6.14 10.04
CA ASN B 76 15.63 -7.35 9.39
C ASN B 76 15.54 -7.14 7.91
N MET B 77 16.67 -6.80 7.31
CA MET B 77 16.76 -6.69 5.86
C MET B 77 17.71 -7.74 5.27
N THR B 78 17.25 -8.40 4.24
CA THR B 78 17.88 -9.62 3.77
C THR B 78 18.35 -9.53 2.32
N GLU B 79 17.72 -8.64 1.54
CA GLU B 79 17.81 -8.61 0.09
C GLU B 79 18.89 -7.59 -0.36
N ASP B 80 20.00 -8.15 -0.85
CA ASP B 80 21.26 -7.42 -1.05
C ASP B 80 21.09 -6.14 -1.86
N LEU B 81 20.23 -6.15 -2.88
CA LEU B 81 20.03 -4.96 -3.68
C LEU B 81 19.40 -3.81 -2.95
N LEU B 82 18.37 -4.05 -2.18
CA LEU B 82 17.71 -2.94 -1.51
C LEU B 82 18.63 -2.40 -0.40
N MET B 83 19.34 -3.30 0.28
CA MET B 83 20.37 -2.90 1.24
C MET B 83 21.45 -2.03 0.62
N ASP B 84 21.83 -2.36 -0.61
CA ASP B 84 22.76 -1.55 -1.32
C ASP B 84 22.24 -0.15 -1.60
N ARG B 85 21.02 -0.08 -2.11
CA ARG B 85 20.36 1.20 -2.47
C ARG B 85 20.13 2.05 -1.21
N VAL B 86 19.81 1.39 -0.09
CA VAL B 86 19.68 2.07 1.21
C VAL B 86 20.98 2.67 1.70
N PHE B 87 22.06 1.88 1.68
CA PHE B 87 23.42 2.39 1.93
C PHE B 87 23.68 3.57 1.02
N ARG B 88 23.39 3.42 -0.26
CA ARG B 88 23.59 4.58 -1.17
C ARG B 88 22.72 5.79 -0.88
N ALA B 89 21.49 5.59 -0.47
CA ALA B 89 20.69 6.75 -0.17
C ALA B 89 21.19 7.46 1.10
N PHE B 90 21.73 6.70 2.05
CA PHE B 90 22.33 7.30 3.24
C PHE B 90 23.66 8.04 2.92
N ASP B 91 24.48 7.48 2.03
CA ASP B 91 25.81 7.98 1.82
C ASP B 91 25.73 9.05 0.77
N LYS B 92 25.31 10.25 1.16
CA LYS B 92 24.92 11.25 0.16
C LYS B 92 26.07 11.95 -0.52
N ASP B 93 27.26 11.91 0.08
CA ASP B 93 28.50 12.41 -0.51
C ASP B 93 29.24 11.40 -1.43
N SER B 94 28.77 10.15 -1.52
CA SER B 94 29.31 9.11 -2.45
C SER B 94 30.76 8.59 -2.18
N ASP B 95 31.19 8.65 -0.93
CA ASP B 95 32.55 8.28 -0.59
C ASP B 95 32.63 6.86 -0.03
N SER B 96 31.51 6.14 0.01
CA SER B 96 31.43 4.79 0.58
C SER B 96 31.63 4.76 2.10
N TYR B 97 31.32 5.85 2.75
CA TYR B 97 31.32 5.89 4.19
C TYR B 97 30.11 6.64 4.66
N ILE B 98 29.38 6.06 5.59
CA ILE B 98 28.36 6.83 6.30
C ILE B 98 29.07 7.64 7.39
N SER B 99 29.26 8.92 7.12
CA SER B 99 29.79 9.78 8.19
C SER B 99 28.79 9.85 9.35
N LEU B 100 29.26 10.43 10.46
CA LEU B 100 28.37 10.74 11.58
C LEU B 100 27.18 11.52 11.13
N THR B 101 27.45 12.54 10.33
CA THR B 101 26.36 13.38 9.82
C THR B 101 25.39 12.58 8.99
N GLU B 102 25.91 11.73 8.11
CA GLU B 102 25.06 11.00 7.22
C GLU B 102 24.17 9.97 7.98
N TRP B 103 24.76 9.36 8.98
CA TRP B 103 24.05 8.45 9.88
C TRP B 103 22.86 9.12 10.58
N VAL B 104 23.13 10.29 11.12
CA VAL B 104 22.08 11.01 11.81
C VAL B 104 21.00 11.44 10.81
N GLU B 105 21.42 12.02 9.69
CA GLU B 105 20.41 12.49 8.74
C GLU B 105 19.59 11.37 8.17
N GLY B 106 20.16 10.20 8.01
CA GLY B 106 19.47 9.15 7.30
C GLY B 106 18.49 8.51 8.22
N LEU B 107 18.96 8.23 9.45
CA LEU B 107 18.08 7.65 10.46
C LEU B 107 16.87 8.54 10.78
N SER B 108 17.04 9.87 10.67
CA SER B 108 15.92 10.79 10.87
C SER B 108 14.78 10.54 9.90
N VAL B 109 15.13 10.38 8.64
CA VAL B 109 14.15 10.05 7.59
C VAL B 109 13.70 8.60 7.76
N PHE B 110 14.65 7.70 7.87
CA PHE B 110 14.40 6.26 7.99
C PHE B 110 13.42 5.89 9.15
N LEU B 111 13.68 6.39 10.36
CA LEU B 111 12.80 6.11 11.53
C LEU B 111 11.57 7.01 11.74
N ARG B 112 11.69 8.28 11.41
CA ARG B 112 10.73 9.32 11.81
C ARG B 112 10.41 10.28 10.67
N GLY B 113 10.71 9.93 9.43
CA GLY B 113 10.47 10.85 8.31
C GLY B 113 8.97 11.15 8.16
N THR B 114 8.68 12.33 7.61
CA THR B 114 7.31 12.65 7.23
C THR B 114 7.03 11.89 5.95
N LEU B 115 5.79 11.88 5.49
CA LEU B 115 5.51 11.20 4.23
C LEU B 115 6.23 11.83 3.08
N ASP B 116 6.42 13.15 3.07
CA ASP B 116 7.15 13.75 1.97
C ASP B 116 8.61 13.32 1.94
N GLU B 117 9.26 13.25 3.09
CA GLU B 117 10.68 12.91 3.13
C GLU B 117 10.84 11.46 2.75
N LYS B 118 9.96 10.59 3.28
CA LYS B 118 9.98 9.21 2.88
C LYS B 118 9.76 8.90 1.37
N MET B 119 8.88 9.64 0.71
CA MET B 119 8.69 9.50 -0.77
C MET B 119 9.98 9.92 -1.52
N GLU B 120 10.52 11.07 -1.16
CA GLU B 120 11.81 11.49 -1.63
C GLU B 120 12.86 10.36 -1.46
N TYR B 121 12.93 9.81 -0.26
CA TYR B 121 13.89 8.79 0.06
C TYR B 121 13.63 7.53 -0.79
N THR B 122 12.39 7.01 -0.79
CA THR B 122 12.13 5.74 -1.50
C THR B 122 12.24 5.87 -3.00
N PHE B 123 11.87 7.03 -3.57
CA PHE B 123 12.17 7.27 -4.98
C PHE B 123 13.67 7.11 -5.26
N THR B 124 14.50 7.81 -4.50
CA THR B 124 15.96 7.74 -4.60
C THR B 124 16.48 6.33 -4.54
N VAL B 125 15.94 5.52 -3.63
CA VAL B 125 16.27 4.08 -3.53
C VAL B 125 15.86 3.31 -4.81
N PHE B 126 14.63 3.53 -5.29
CA PHE B 126 14.06 2.79 -6.47
C PHE B 126 14.62 3.24 -7.82
N ASP B 127 14.89 4.53 -7.98
CA ASP B 127 15.61 5.00 -9.15
C ASP B 127 17.06 4.55 -9.19
N LEU B 128 17.29 3.31 -9.62
CA LEU B 128 18.62 2.66 -9.49
C LEU B 128 19.78 3.49 -10.05
N ASN B 129 19.62 3.86 -11.30
CA ASN B 129 20.58 4.69 -12.03
C ASN B 129 20.56 6.21 -11.80
N GLY B 130 19.75 6.71 -10.88
CA GLY B 130 19.74 8.14 -10.54
C GLY B 130 19.51 9.10 -11.67
N ASP B 131 18.75 8.68 -12.69
CA ASP B 131 18.38 9.55 -13.84
C ASP B 131 17.08 10.25 -13.66
N GLY B 132 16.43 10.07 -12.52
CA GLY B 132 15.12 10.72 -12.29
C GLY B 132 13.89 9.99 -12.76
N TYR B 133 14.05 8.79 -13.34
CA TYR B 133 12.90 7.95 -13.65
C TYR B 133 13.10 6.53 -13.15
N ILE B 134 12.01 5.97 -12.59
CA ILE B 134 11.94 4.55 -12.28
C ILE B 134 11.43 3.82 -13.53
N SER B 135 12.37 3.25 -14.29
CA SER B 135 12.07 2.59 -15.59
C SER B 135 11.41 1.21 -15.44
N ARG B 136 10.87 0.70 -16.54
CA ARG B 136 10.33 -0.66 -16.61
C ARG B 136 11.41 -1.64 -16.18
N GLU B 137 12.59 -1.55 -16.78
CA GLU B 137 13.70 -2.43 -16.49
C GLU B 137 14.16 -2.36 -14.99
N GLU B 138 14.24 -1.15 -14.43
CA GLU B 138 14.52 -1.03 -12.98
C GLU B 138 13.47 -1.71 -12.09
N MET B 139 12.19 -1.44 -12.36
CA MET B 139 11.08 -2.13 -11.66
C MET B 139 11.20 -3.63 -11.80
N PHE B 140 11.58 -4.08 -13.00
CA PHE B 140 11.73 -5.52 -13.21
C PHE B 140 12.83 -6.06 -12.26
N GLN B 141 14.00 -5.44 -12.28
CA GLN B 141 15.12 -5.90 -11.48
C GLN B 141 14.70 -5.98 -10.01
N MET B 142 14.04 -4.93 -9.50
CA MET B 142 13.72 -4.90 -8.07
C MET B 142 12.71 -5.91 -7.64
N LEU B 143 11.61 -6.04 -8.38
CA LEU B 143 10.57 -7.00 -7.96
C LEU B 143 11.07 -8.43 -8.12
N LYS B 144 11.86 -8.69 -9.15
CA LYS B 144 12.50 -10.00 -9.34
C LYS B 144 13.45 -10.46 -8.20
N THR B 145 14.10 -9.51 -7.50
CA THR B 145 15.28 -9.83 -6.66
C THR B 145 14.94 -10.18 -5.20
N PRO B 156 9.79 -17.60 -13.07
CA PRO B 156 8.74 -16.72 -12.53
C PRO B 156 8.55 -15.38 -13.28
N ASP B 157 9.25 -15.19 -14.39
CA ASP B 157 9.39 -13.88 -15.08
C ASP B 157 8.11 -13.23 -15.63
N GLU B 158 7.14 -14.04 -16.08
CA GLU B 158 5.89 -13.48 -16.64
C GLU B 158 5.01 -12.91 -15.54
N GLY B 159 5.10 -13.47 -14.35
CA GLY B 159 4.55 -12.86 -13.12
C GLY B 159 5.04 -11.45 -12.82
N ILE B 160 6.34 -11.22 -12.96
CA ILE B 160 6.93 -9.90 -12.68
C ILE B 160 6.53 -8.91 -13.75
N LYS B 161 6.78 -9.27 -15.00
CA LYS B 161 6.25 -8.52 -16.14
C LYS B 161 4.76 -8.00 -15.92
N ASP B 162 3.88 -8.80 -15.30
CA ASP B 162 2.50 -8.32 -15.02
C ASP B 162 2.46 -7.22 -13.94
N LEU B 163 3.20 -7.45 -12.87
CA LEU B 163 3.35 -6.45 -11.81
C LEU B 163 3.90 -5.14 -12.33
N VAL B 164 4.85 -5.20 -13.24
CA VAL B 164 5.40 -3.98 -13.77
C VAL B 164 4.27 -3.25 -14.51
N GLU B 165 3.49 -3.99 -15.30
CA GLU B 165 2.39 -3.36 -16.06
C GLU B 165 1.32 -2.82 -15.12
N ILE B 166 1.08 -3.52 -14.03
CA ILE B 166 0.15 -3.03 -12.99
C ILE B 166 0.63 -1.69 -12.34
N ALA B 167 1.93 -1.58 -12.06
CA ALA B 167 2.54 -0.37 -11.44
C ALA B 167 2.38 0.82 -12.32
N LEU B 168 2.58 0.61 -13.63
CA LEU B 168 2.39 1.67 -14.60
C LEU B 168 0.92 2.11 -14.68
N LYS B 169 -0.01 1.17 -14.68
CA LYS B 169 -1.41 1.52 -14.80
C LYS B 169 -1.90 2.28 -13.59
N LYS B 170 -1.30 2.08 -12.43
CA LYS B 170 -1.70 2.86 -11.27
C LYS B 170 -0.94 4.17 -11.18
N MET B 171 0.34 4.15 -11.47
CA MET B 171 1.23 5.26 -11.12
C MET B 171 1.66 6.17 -12.27
N ASP B 172 1.82 5.63 -13.46
CA ASP B 172 2.33 6.40 -14.61
C ASP B 172 1.28 7.36 -15.21
N HIS B 173 1.11 8.51 -14.57
CA HIS B 173 0.15 9.51 -14.99
C HIS B 173 0.50 10.14 -16.34
N ASP B 174 1.77 10.47 -16.58
CA ASP B 174 2.21 11.09 -17.85
C ASP B 174 2.37 10.12 -19.04
N HIS B 175 2.06 8.83 -18.83
CA HIS B 175 1.95 7.79 -19.91
C HIS B 175 3.17 7.60 -20.81
N ASP B 176 4.35 7.73 -20.21
CA ASP B 176 5.65 7.57 -20.89
C ASP B 176 6.34 6.25 -20.54
N SER B 177 5.65 5.35 -19.85
CA SER B 177 6.15 4.01 -19.49
C SER B 177 7.39 3.96 -18.55
N ARG B 178 7.40 4.92 -17.64
CA ARG B 178 8.40 5.04 -16.63
C ARG B 178 7.84 6.06 -15.64
N LEU B 179 8.34 6.03 -14.41
CA LEU B 179 7.84 6.91 -13.35
C LEU B 179 8.86 8.01 -13.04
N SER B 180 8.45 9.24 -13.29
CA SER B 180 9.16 10.44 -12.83
C SER B 180 8.86 10.62 -11.35
N LYS B 181 9.56 11.52 -10.67
CA LYS B 181 9.17 11.92 -9.33
C LYS B 181 7.68 12.26 -9.23
N LYS B 182 7.14 12.99 -10.19
CA LYS B 182 5.72 13.40 -10.14
C LYS B 182 4.78 12.20 -10.20
N ASP B 183 4.99 11.33 -11.20
CA ASP B 183 4.21 10.09 -11.27
C ASP B 183 4.11 9.41 -9.88
N PHE B 184 5.27 9.15 -9.28
CA PHE B 184 5.39 8.30 -8.09
C PHE B 184 4.67 8.87 -6.89
N LYS B 185 4.83 10.17 -6.68
CA LYS B 185 4.39 10.84 -5.45
C LYS B 185 2.89 11.06 -5.46
N ASP B 186 2.39 11.54 -6.59
CA ASP B 186 0.98 11.57 -6.87
C ASP B 186 0.34 10.21 -6.57
N ALA B 187 0.97 9.13 -7.03
CA ALA B 187 0.42 7.80 -6.74
C ALA B 187 0.45 7.45 -5.26
N VAL B 188 1.54 7.81 -4.58
CA VAL B 188 1.68 7.49 -3.15
C VAL B 188 0.77 8.33 -2.28
N LEU B 189 0.67 9.61 -2.61
CA LEU B 189 -0.24 10.52 -1.90
C LEU B 189 -1.67 9.98 -1.91
N ILE B 190 -2.11 9.47 -3.05
CA ILE B 190 -3.39 8.78 -3.12
C ILE B 190 -3.41 7.44 -2.34
N GLU B 191 -2.51 6.51 -2.69
CA GLU B 191 -2.42 5.19 -2.03
C GLU B 191 -1.07 5.02 -1.29
N PRO B 192 -0.96 5.49 -0.02
CA PRO B 192 0.29 5.39 0.74
C PRO B 192 0.96 4.04 0.78
N LEU B 193 0.24 2.95 0.58
CA LEU B 193 0.92 1.66 0.58
C LEU B 193 2.00 1.54 -0.48
N LEU B 194 1.89 2.32 -1.56
CA LEU B 194 2.87 2.27 -2.64
C LEU B 194 4.22 2.92 -2.32
N LEU B 195 4.32 3.57 -1.16
CA LEU B 195 5.60 4.13 -0.69
C LEU B 195 6.84 3.24 -0.95
N GLU B 196 6.68 1.94 -0.66
CA GLU B 196 7.68 0.91 -0.82
C GLU B 196 7.17 -0.14 -1.82
N ALA B 197 6.69 0.31 -2.97
CA ALA B 197 6.05 -0.58 -3.94
C ALA B 197 6.99 -1.63 -4.50
N PHE B 198 8.28 -1.32 -4.65
CA PHE B 198 9.24 -2.23 -5.30
C PHE B 198 10.28 -2.92 -4.40
N GLY B 199 10.07 -2.90 -3.07
CA GLY B 199 11.00 -3.50 -2.10
C GLY B 199 10.97 -2.76 -0.76
N LYS B 200 11.19 -3.51 0.31
CA LYS B 200 11.17 -2.92 1.62
C LYS B 200 12.48 -2.15 1.73
N CYS B 201 12.40 -0.84 1.87
CA CYS B 201 13.59 -0.06 2.09
C CYS B 201 13.42 0.88 3.27
N LEU B 202 12.36 0.68 4.05
CA LEU B 202 12.19 1.35 5.31
C LEU B 202 11.96 0.32 6.40
N PRO B 203 12.30 0.65 7.64
CA PRO B 203 12.04 -0.31 8.72
C PRO B 203 10.53 -0.52 9.07
N ASP B 204 10.16 -1.77 9.38
CA ASP B 204 8.81 -2.04 9.93
C ASP B 204 8.68 -1.46 11.31
N GLU B 205 7.46 -1.44 11.83
CA GLU B 205 7.18 -0.85 13.16
C GLU B 205 7.91 -1.48 14.36
N LYS B 206 7.92 -2.80 14.43
CA LYS B 206 8.59 -3.49 15.54
C LYS B 206 10.09 -3.15 15.63
N SER B 207 10.79 -3.30 14.49
CA SER B 207 12.23 -2.95 14.33
C SER B 207 12.53 -1.54 14.79
N SER B 208 11.68 -0.61 14.32
CA SER B 208 11.76 0.79 14.69
C SER B 208 11.72 1.03 16.18
N GLU B 209 10.72 0.47 16.85
CA GLU B 209 10.49 0.72 18.27
C GLU B 209 11.54 0.08 19.12
N ILE B 210 11.98 -1.12 18.74
CA ILE B 210 13.09 -1.76 19.42
C ILE B 210 14.32 -0.86 19.38
N PHE B 211 14.56 -0.20 18.23
CA PHE B 211 15.74 0.66 18.09
C PHE B 211 15.55 1.93 18.90
N GLU B 212 14.38 2.53 18.82
CA GLU B 212 14.11 3.72 19.61
C GLU B 212 14.41 3.48 21.16
N TYR B 213 13.92 2.35 21.69
CA TYR B 213 14.18 1.93 23.09
C TYR B 213 15.67 1.80 23.38
N HIS B 214 16.31 0.84 22.73
CA HIS B 214 17.62 0.41 23.18
C HIS B 214 18.70 1.37 22.82
N VAL B 215 18.42 2.26 21.87
CA VAL B 215 19.39 3.26 21.44
C VAL B 215 19.12 4.64 21.99
N LEU B 216 17.84 5.05 21.97
CA LEU B 216 17.41 6.37 22.34
C LEU B 216 16.64 6.47 23.67
N GLY B 217 15.92 5.40 24.07
CA GLY B 217 14.98 5.41 25.23
C GLY B 217 13.51 5.85 25.01
N VAL B 218 12.67 5.05 24.32
CA VAL B 218 11.17 5.22 24.27
C VAL B 218 10.62 6.24 25.31
MG MG C . -29.61 -7.80 0.65
MG MG D . -11.69 -20.68 -0.12
MG MG E . 29.74 9.53 3.17
MG MG F . 16.27 5.16 -13.33
MG MG G . 5.96 8.45 -16.27
#